data_6SSQ
#
_entry.id   6SSQ
#
_cell.length_a   58.209
_cell.length_b   85.296
_cell.length_c   109.290
_cell.angle_alpha   90.000
_cell.angle_beta   90.000
_cell.angle_gamma   90.000
#
_symmetry.space_group_name_H-M   'P 21 21 21'
#
loop_
_entity.id
_entity.type
_entity.pdbx_description
1 polymer 'Retinoic acid receptor beta'
2 polymer 'Nuclear receptor coactivator 1'
3 non-polymer '(2E,4E,6Z)-3-methyl-7-(5,5,8,8-tetramethyl-3-propoxy-5,6,7,8-tetrahydronaphthalen-2-yl)octa-2,4,6-trienoic acid'
4 non-polymer 'CITRATE ANION'
5 non-polymer GLYCEROL
6 water water
#
loop_
_entity_poly.entity_id
_entity_poly.type
_entity_poly.pdbx_seq_one_letter_code
_entity_poly.pdbx_strand_id
1 'polypeptide(L)'
;MGSSHHHHHHSSGLVPRGSHMESYEMTAELDDLTEKIRKAHQETFPSLCQLGKYTTNSSADHRVRLDLGLWDKFSELATK
CIIKIVEFAKRLPGFTGLTIADQITLLKAACLDILILRICTRYTPEQDTMTFSDGLTLNRTQMHNAGFGPLTDLVFTFAN
QLLPLEMDDTETGLLSAICLICGDRQDLEEPTKVDKLQEPLLEALKIYIRKRRPSKPHMFPKILMKITDLRSISAKGAER
VITLKMEIPGSMPPLIQEMMENSEGHE
;
A,B
2 'polypeptide(L)' RHKILHRLLQEGS F,G
#
# COMPACT_ATOMS: atom_id res chain seq x y z
N SER A 23 -17.12 7.57 32.71
CA SER A 23 -17.31 7.15 31.34
C SER A 23 -16.92 8.27 30.38
N TYR A 24 -15.64 8.29 29.99
CA TYR A 24 -15.21 9.23 28.96
C TYR A 24 -15.86 8.90 27.62
N GLU A 25 -16.24 9.95 26.89
CA GLU A 25 -17.19 9.79 25.81
C GLU A 25 -16.58 9.05 24.63
N MET A 26 -15.40 9.47 24.18
CA MET A 26 -14.84 8.86 22.99
C MET A 26 -14.42 7.41 23.27
N THR A 27 -13.95 7.11 24.47
CA THR A 27 -13.71 5.72 24.82
C THR A 27 -14.98 4.91 24.69
N ALA A 28 -16.09 5.43 25.20
CA ALA A 28 -17.35 4.71 25.10
C ALA A 28 -17.72 4.47 23.64
N GLU A 29 -17.65 5.53 22.82
CA GLU A 29 -18.02 5.40 21.41
C GLU A 29 -17.10 4.43 20.68
N LEU A 30 -15.80 4.48 20.97
CA LEU A 30 -14.87 3.62 20.23
C LEU A 30 -15.05 2.16 20.61
N ASP A 31 -15.33 1.88 21.89
CA ASP A 31 -15.67 0.51 22.29
C ASP A 31 -16.94 0.05 21.60
N ASP A 32 -17.95 0.91 21.51
CA ASP A 32 -19.15 0.56 20.78
C ASP A 32 -18.81 0.21 19.33
N LEU A 33 -17.99 1.05 18.70
CA LEU A 33 -17.56 0.79 17.32
C LEU A 33 -16.78 -0.51 17.22
N THR A 34 -15.75 -0.67 18.05
CA THR A 34 -14.93 -1.88 18.07
C THR A 34 -15.81 -3.12 18.16
N GLU A 35 -16.79 -3.09 19.06
CA GLU A 35 -17.63 -4.26 19.29
C GLU A 35 -18.48 -4.60 18.08
N LYS A 36 -19.12 -3.63 17.46
CA LYS A 36 -19.96 -4.02 16.34
C LYS A 36 -19.16 -4.41 15.11
N ILE A 37 -17.89 -3.99 15.02
CA ILE A 37 -17.08 -4.45 13.89
C ILE A 37 -16.58 -5.88 14.12
N ARG A 38 -16.18 -6.21 15.36
CA ARG A 38 -15.87 -7.60 15.66
C ARG A 38 -17.08 -8.50 15.36
N LYS A 39 -18.26 -8.08 15.80
CA LYS A 39 -19.46 -8.87 15.57
C LYS A 39 -19.76 -8.98 14.07
N ALA A 40 -19.66 -7.87 13.33
CA ALA A 40 -19.89 -7.90 11.89
C ALA A 40 -18.97 -8.89 11.21
N HIS A 41 -17.69 -8.87 11.55
CA HIS A 41 -16.75 -9.83 10.95
C HIS A 41 -17.07 -11.25 11.38
N GLN A 42 -17.45 -11.46 12.64
CA GLN A 42 -17.68 -12.82 13.12
C GLN A 42 -18.93 -13.43 12.48
N GLU A 43 -19.98 -12.65 12.31
CA GLU A 43 -21.19 -13.23 11.75
C GLU A 43 -21.18 -13.28 10.23
N THR A 44 -20.11 -12.80 9.58
CA THR A 44 -19.96 -12.89 8.13
C THR A 44 -18.71 -13.64 7.71
N PHE A 45 -17.94 -14.17 8.65
CA PHE A 45 -16.77 -14.96 8.31
C PHE A 45 -16.50 -15.95 9.44
N PRO A 46 -16.91 -17.21 9.27
CA PRO A 46 -16.61 -18.23 10.30
C PRO A 46 -15.12 -18.32 10.59
N SER A 47 -14.81 -18.73 11.81
CA SER A 47 -13.42 -18.89 12.17
C SER A 47 -12.95 -20.31 11.92
N LEU A 48 -11.64 -20.45 11.76
CA LEU A 48 -11.03 -21.71 11.34
C LEU A 48 -11.41 -22.86 12.27
N CYS A 49 -11.44 -22.61 13.59
CA CYS A 49 -11.76 -23.67 14.54
C CYS A 49 -13.22 -24.09 14.49
N GLN A 50 -14.09 -23.29 13.89
CA GLN A 50 -15.51 -23.60 13.78
C GLN A 50 -15.84 -24.44 12.56
N LEU A 51 -14.89 -24.67 11.67
CA LEU A 51 -15.20 -25.27 10.38
C LEU A 51 -14.78 -26.74 10.38
N GLY A 52 -15.68 -27.60 9.91
CA GLY A 52 -15.37 -28.99 9.72
C GLY A 52 -14.59 -29.17 8.43
N LYS A 53 -13.30 -29.42 8.52
CA LYS A 53 -12.49 -29.51 7.32
C LYS A 53 -12.81 -30.77 6.53
N TYR A 54 -12.69 -30.66 5.21
CA TYR A 54 -12.66 -31.83 4.34
C TYR A 54 -11.75 -31.52 3.17
N THR A 55 -11.18 -32.55 2.58
CA THR A 55 -10.22 -32.36 1.50
C THR A 55 -10.78 -32.87 0.19
N THR A 56 -10.03 -32.64 -0.89
CA THR A 56 -10.34 -33.24 -2.17
C THR A 56 -9.04 -33.67 -2.83
N ASN A 57 -9.12 -34.69 -3.69
CA ASN A 57 -7.92 -35.19 -4.34
C ASN A 57 -7.72 -34.62 -5.74
N SER A 58 -8.56 -33.66 -6.14
CA SER A 58 -8.45 -33.04 -7.49
C SER A 58 -7.09 -32.36 -7.65
N SER A 59 -6.27 -32.86 -8.58
CA SER A 59 -4.91 -32.37 -8.93
C SER A 59 -4.17 -31.81 -7.71
N ALA A 60 -4.00 -32.61 -6.67
CA ALA A 60 -3.38 -32.13 -5.42
C ALA A 60 -1.90 -32.49 -5.35
N ASP A 61 -1.31 -33.02 -6.43
CA ASP A 61 0.08 -33.42 -6.31
C ASP A 61 1.01 -32.73 -7.28
N HIS A 62 0.51 -32.19 -8.38
CA HIS A 62 1.35 -31.45 -9.32
C HIS A 62 0.57 -30.25 -9.82
N ARG A 63 1.30 -29.16 -10.06
CA ARG A 63 0.70 -27.93 -10.54
C ARG A 63 0.33 -28.06 -12.02
N VAL A 64 -0.84 -27.52 -12.38
CA VAL A 64 -1.31 -27.47 -13.76
C VAL A 64 -1.70 -26.03 -14.06
N ARG A 65 -1.89 -25.73 -15.35
CA ARG A 65 -2.30 -24.38 -15.72
C ARG A 65 -3.59 -23.99 -15.02
N LEU A 66 -4.58 -24.88 -15.08
CA LEU A 66 -5.84 -24.67 -14.36
C LEU A 66 -6.54 -26.01 -14.22
N ASP A 67 -7.11 -26.26 -13.05
CA ASP A 67 -8.07 -27.34 -12.88
C ASP A 67 -9.47 -26.74 -12.90
N LEU A 68 -10.21 -27.03 -13.97
CA LEU A 68 -11.52 -26.40 -14.13
C LEU A 68 -12.47 -26.75 -12.99
N GLY A 69 -12.41 -27.97 -12.46
CA GLY A 69 -13.30 -28.33 -11.37
C GLY A 69 -12.98 -27.58 -10.10
N LEU A 70 -11.69 -27.37 -9.83
CA LEU A 70 -11.29 -26.56 -8.70
C LEU A 70 -11.66 -25.09 -8.91
N TRP A 71 -11.41 -24.56 -10.11
CA TRP A 71 -11.83 -23.20 -10.41
C TRP A 71 -13.31 -23.00 -10.11
N ASP A 72 -14.14 -23.94 -10.56
CA ASP A 72 -15.58 -23.83 -10.33
C ASP A 72 -15.88 -23.75 -8.85
N LYS A 73 -15.37 -24.70 -8.07
CA LYS A 73 -15.67 -24.73 -6.64
C LYS A 73 -15.14 -23.48 -5.95
N PHE A 74 -13.91 -23.08 -6.30
CA PHE A 74 -13.25 -21.98 -5.64
C PHE A 74 -13.93 -20.65 -5.95
N SER A 75 -14.26 -20.41 -7.23
CA SER A 75 -14.92 -19.17 -7.61
C SER A 75 -16.34 -19.11 -7.06
N GLU A 76 -16.96 -20.26 -6.87
CA GLU A 76 -18.26 -20.29 -6.20
C GLU A 76 -18.12 -19.87 -4.73
N LEU A 77 -17.10 -20.41 -4.04
CA LEU A 77 -16.89 -20.05 -2.65
C LEU A 77 -16.46 -18.59 -2.52
N ALA A 78 -15.63 -18.10 -3.44
CA ALA A 78 -15.28 -16.69 -3.47
C ALA A 78 -16.52 -15.82 -3.65
N THR A 79 -17.38 -16.20 -4.60
CA THR A 79 -18.63 -15.45 -4.81
C THR A 79 -19.44 -15.34 -3.52
N LYS A 80 -19.53 -16.44 -2.78
CA LYS A 80 -20.32 -16.48 -1.55
C LYS A 80 -19.69 -15.62 -0.47
N CYS A 81 -18.36 -15.54 -0.46
CA CYS A 81 -17.71 -14.71 0.51
C CYS A 81 -17.81 -13.22 0.17
N ILE A 82 -17.81 -12.88 -1.12
CA ILE A 82 -18.07 -11.49 -1.54
C ILE A 82 -19.46 -11.05 -1.08
N ILE A 83 -20.44 -11.95 -1.16
CA ILE A 83 -21.76 -11.63 -0.65
C ILE A 83 -21.69 -11.32 0.85
N LYS A 84 -20.90 -12.09 1.59
CA LYS A 84 -20.72 -11.84 3.02
C LYS A 84 -19.94 -10.55 3.25
N ILE A 85 -19.03 -10.22 2.35
CA ILE A 85 -18.29 -8.97 2.48
C ILE A 85 -19.23 -7.78 2.33
N VAL A 86 -20.17 -7.86 1.38
CA VAL A 86 -21.19 -6.82 1.24
C VAL A 86 -22.03 -6.71 2.51
N GLU A 87 -22.40 -7.84 3.09
CA GLU A 87 -23.13 -7.83 4.36
C GLU A 87 -22.28 -7.20 5.46
N PHE A 88 -20.99 -7.52 5.50
CA PHE A 88 -20.09 -6.91 6.47
C PHE A 88 -20.09 -5.39 6.35
N ALA A 89 -19.94 -4.89 5.12
CA ALA A 89 -19.89 -3.46 4.86
C ALA A 89 -21.16 -2.77 5.32
N LYS A 90 -22.32 -3.34 5.00
CA LYS A 90 -23.58 -2.75 5.37
C LYS A 90 -23.72 -2.62 6.89
N ARG A 91 -22.90 -3.32 7.66
CA ARG A 91 -22.92 -3.24 9.11
C ARG A 91 -21.89 -2.27 9.67
N LEU A 92 -21.02 -1.70 8.83
CA LEU A 92 -20.06 -0.70 9.30
C LEU A 92 -20.77 0.63 9.50
N PRO A 93 -20.62 1.28 10.66
CA PRO A 93 -21.25 2.57 10.90
C PRO A 93 -20.93 3.59 9.82
N GLY A 94 -21.98 4.23 9.29
CA GLY A 94 -21.84 5.26 8.29
C GLY A 94 -21.67 4.77 6.87
N PHE A 95 -21.42 3.47 6.65
CA PHE A 95 -21.14 3.01 5.30
C PHE A 95 -22.34 3.23 4.38
N THR A 96 -23.54 2.95 4.88
CA THR A 96 -24.71 3.17 4.05
C THR A 96 -25.18 4.63 4.11
N GLY A 97 -24.39 5.53 4.69
CA GLY A 97 -24.67 6.95 4.62
C GLY A 97 -23.91 7.58 3.47
N LEU A 98 -22.95 6.83 2.92
CA LEU A 98 -22.22 7.28 1.74
C LEU A 98 -23.15 7.25 0.52
N THR A 99 -22.71 7.88 -0.57
CA THR A 99 -23.53 7.79 -1.77
C THR A 99 -23.52 6.37 -2.28
N ILE A 100 -24.57 6.01 -3.02
CA ILE A 100 -24.67 4.68 -3.59
C ILE A 100 -23.44 4.38 -4.45
N ALA A 101 -23.04 5.35 -5.28
CA ALA A 101 -21.90 5.12 -6.16
C ALA A 101 -20.61 4.94 -5.38
N ASP A 102 -20.48 5.65 -4.24
CA ASP A 102 -19.29 5.48 -3.41
C ASP A 102 -19.28 4.13 -2.70
N GLN A 103 -20.44 3.69 -2.21
CA GLN A 103 -20.54 2.36 -1.63
C GLN A 103 -20.09 1.30 -2.63
N ILE A 104 -20.52 1.43 -3.88
CA ILE A 104 -20.14 0.50 -4.95
C ILE A 104 -18.64 0.61 -5.24
N THR A 105 -18.15 1.84 -5.39
CA THR A 105 -16.74 2.06 -5.71
C THR A 105 -15.83 1.50 -4.63
N LEU A 106 -16.19 1.72 -3.34
CA LEU A 106 -15.36 1.21 -2.24
C LEU A 106 -15.38 -0.32 -2.19
N LEU A 107 -16.54 -0.95 -2.39
CA LEU A 107 -16.59 -2.42 -2.38
C LEU A 107 -15.72 -3.00 -3.49
N LYS A 108 -15.83 -2.47 -4.71
CA LYS A 108 -15.03 -3.00 -5.81
C LYS A 108 -13.53 -2.81 -5.54
N ALA A 109 -13.16 -1.68 -4.97
CA ALA A 109 -11.74 -1.39 -4.76
C ALA A 109 -11.14 -2.20 -3.62
N ALA A 110 -11.94 -2.64 -2.65
CA ALA A 110 -11.39 -3.37 -1.49
C ALA A 110 -11.70 -4.86 -1.51
N CYS A 111 -12.51 -5.32 -2.46
CA CYS A 111 -12.98 -6.71 -2.47
C CYS A 111 -11.85 -7.71 -2.33
N LEU A 112 -10.89 -7.66 -3.25
CA LEU A 112 -9.75 -8.57 -3.20
C LEU A 112 -8.93 -8.39 -1.92
N ASP A 113 -8.71 -7.14 -1.49
CA ASP A 113 -8.02 -6.85 -0.22
C ASP A 113 -8.60 -7.67 0.92
N ILE A 114 -9.93 -7.60 1.08
CA ILE A 114 -10.60 -8.26 2.19
C ILE A 114 -10.66 -9.77 1.97
N LEU A 115 -10.85 -10.22 0.73
CA LEU A 115 -10.78 -11.65 0.44
C LEU A 115 -9.41 -12.21 0.81
N ILE A 116 -8.34 -11.51 0.43
CA ILE A 116 -6.99 -11.97 0.77
C ILE A 116 -6.83 -12.03 2.27
N LEU A 117 -7.22 -10.96 2.96
CA LEU A 117 -7.08 -10.95 4.41
C LEU A 117 -7.86 -12.10 5.05
N ARG A 118 -9.08 -12.36 4.56
CA ARG A 118 -9.90 -13.43 5.12
C ARG A 118 -9.26 -14.79 4.92
N ILE A 119 -8.77 -15.08 3.72
CA ILE A 119 -8.28 -16.43 3.45
C ILE A 119 -6.98 -16.69 4.22
N CYS A 120 -6.20 -15.63 4.45
CA CYS A 120 -4.97 -15.76 5.23
C CYS A 120 -5.24 -16.08 6.70
N THR A 121 -6.35 -15.61 7.25
CA THR A 121 -6.72 -16.09 8.58
C THR A 121 -7.17 -17.54 8.58
N ARG A 122 -7.28 -18.19 7.42
CA ARG A 122 -7.69 -19.58 7.33
C ARG A 122 -6.54 -20.50 6.94
N TYR A 123 -5.32 -20.08 7.18
CA TYR A 123 -4.15 -20.83 6.74
C TYR A 123 -3.68 -21.75 7.85
N THR A 124 -3.44 -23.02 7.51
CA THR A 124 -2.91 -23.96 8.49
C THR A 124 -1.48 -24.30 8.14
N PRO A 125 -0.50 -23.80 8.90
CA PRO A 125 0.91 -23.96 8.49
C PRO A 125 1.41 -25.39 8.39
N GLU A 126 1.04 -26.28 9.32
CA GLU A 126 1.60 -27.63 9.29
C GLU A 126 1.10 -28.38 8.06
N GLN A 127 -0.17 -28.23 7.71
CA GLN A 127 -0.67 -28.87 6.49
C GLN A 127 -0.40 -28.05 5.24
N ASP A 128 -0.03 -26.77 5.38
CA ASP A 128 0.18 -25.86 4.25
C ASP A 128 -1.10 -25.75 3.40
N THR A 129 -2.20 -25.43 4.09
CA THR A 129 -3.53 -25.45 3.50
C THR A 129 -4.27 -24.16 3.84
N MET A 130 -5.26 -23.85 3.01
CA MET A 130 -6.24 -22.83 3.31
C MET A 130 -7.62 -23.45 3.30
N THR A 131 -8.50 -22.96 4.18
CA THR A 131 -9.80 -23.58 4.41
C THR A 131 -10.89 -22.59 4.10
N PHE A 132 -11.82 -23.00 3.24
CA PHE A 132 -12.91 -22.14 2.81
C PHE A 132 -14.08 -22.25 3.77
N SER A 133 -15.06 -21.35 3.62
CA SER A 133 -16.11 -21.22 4.63
C SER A 133 -17.07 -22.39 4.65
N ASP A 134 -16.96 -23.35 3.73
CA ASP A 134 -17.68 -24.61 3.77
C ASP A 134 -16.84 -25.76 4.32
N GLY A 135 -15.61 -25.46 4.77
CA GLY A 135 -14.69 -26.48 5.22
C GLY A 135 -13.73 -27.01 4.19
N LEU A 136 -13.88 -26.65 2.91
CA LEU A 136 -12.98 -27.18 1.91
C LEU A 136 -11.57 -26.75 2.21
N THR A 137 -10.65 -27.69 2.27
CA THR A 137 -9.28 -27.42 2.66
C THR A 137 -8.37 -27.84 1.53
N LEU A 138 -7.78 -26.86 0.85
CA LEU A 138 -6.96 -27.07 -0.33
C LEU A 138 -5.48 -26.87 0.00
N ASN A 139 -4.61 -27.71 -0.56
CA ASN A 139 -3.20 -27.52 -0.31
C ASN A 139 -2.66 -26.46 -1.27
N ARG A 140 -1.37 -26.16 -1.16
CA ARG A 140 -0.80 -25.06 -1.94
C ARG A 140 -0.90 -25.33 -3.44
N THR A 141 -0.64 -26.56 -3.85
CA THR A 141 -0.75 -26.92 -5.25
C THR A 141 -2.18 -26.77 -5.75
N GLN A 142 -3.15 -27.23 -4.96
CA GLN A 142 -4.54 -27.09 -5.36
C GLN A 142 -4.95 -25.62 -5.42
N MET A 143 -4.46 -24.80 -4.48
CA MET A 143 -4.76 -23.37 -4.55
C MET A 143 -4.21 -22.77 -5.83
N HIS A 144 -3.02 -23.23 -6.23
CA HIS A 144 -2.46 -22.82 -7.51
C HIS A 144 -3.38 -23.21 -8.66
N ASN A 145 -3.80 -24.48 -8.67
CA ASN A 145 -4.56 -25.02 -9.79
C ASN A 145 -5.97 -24.45 -9.83
N ALA A 146 -6.49 -24.04 -8.68
CA ALA A 146 -7.79 -23.39 -8.62
C ALA A 146 -7.78 -22.03 -9.29
N GLY A 147 -6.61 -21.45 -9.52
CA GLY A 147 -6.58 -20.15 -10.16
C GLY A 147 -5.57 -19.13 -9.63
N PHE A 148 -5.03 -19.34 -8.41
CA PHE A 148 -3.95 -18.50 -7.92
C PHE A 148 -2.80 -18.41 -8.92
N GLY A 149 -2.48 -19.54 -9.56
CA GLY A 149 -1.44 -19.57 -10.56
C GLY A 149 -0.13 -19.01 -10.06
N PRO A 150 0.39 -17.99 -10.77
CA PRO A 150 1.68 -17.41 -10.39
C PRO A 150 1.67 -16.63 -9.09
N LEU A 151 0.50 -16.32 -8.55
CA LEU A 151 0.43 -15.53 -7.32
C LEU A 151 0.44 -16.38 -6.06
N THR A 152 0.59 -17.71 -6.21
CA THR A 152 0.33 -18.64 -5.11
C THR A 152 1.29 -18.44 -3.97
N ASP A 153 2.60 -18.46 -4.26
CA ASP A 153 3.60 -18.38 -3.21
C ASP A 153 3.56 -17.03 -2.50
N LEU A 154 3.23 -15.97 -3.25
CA LEU A 154 3.09 -14.65 -2.64
C LEU A 154 1.97 -14.64 -1.61
N VAL A 155 0.80 -15.20 -1.96
CA VAL A 155 -0.30 -15.24 -1.02
C VAL A 155 0.06 -16.12 0.18
N PHE A 156 0.68 -17.27 -0.07
CA PHE A 156 1.03 -18.17 1.02
C PHE A 156 2.11 -17.57 1.92
N THR A 157 3.08 -16.89 1.31
CA THR A 157 4.10 -16.18 2.09
C THR A 157 3.47 -15.10 2.97
N PHE A 158 2.49 -14.39 2.43
CA PHE A 158 1.82 -13.37 3.22
C PHE A 158 1.03 -13.99 4.37
N ALA A 159 0.44 -15.17 4.15
CA ALA A 159 -0.32 -15.82 5.22
C ALA A 159 0.59 -16.36 6.31
N ASN A 160 1.84 -16.68 6.00
CA ASN A 160 2.77 -17.08 7.04
C ASN A 160 3.29 -15.89 7.82
N GLN A 161 3.42 -14.73 7.19
CA GLN A 161 3.86 -13.55 7.92
C GLN A 161 2.79 -13.02 8.86
N LEU A 162 1.51 -13.32 8.61
CA LEU A 162 0.48 -12.82 9.50
C LEU A 162 0.27 -13.73 10.70
N LEU A 163 0.51 -15.03 10.53
CA LEU A 163 0.24 -15.98 11.62
C LEU A 163 0.96 -15.66 12.92
N PRO A 164 2.24 -15.26 12.94
CA PRO A 164 2.84 -14.88 14.22
C PRO A 164 2.11 -13.75 14.93
N LEU A 165 1.61 -12.75 14.19
CA LEU A 165 0.89 -11.65 14.84
C LEU A 165 -0.32 -12.14 15.62
N GLU A 166 -0.89 -13.27 15.22
CA GLU A 166 -2.08 -13.83 15.87
C GLU A 166 -3.15 -12.77 16.05
N MET A 167 -3.72 -12.34 14.93
CA MET A 167 -4.81 -11.39 14.94
C MET A 167 -6.13 -12.10 15.21
N ASP A 168 -6.93 -11.50 16.08
CA ASP A 168 -8.24 -12.03 16.41
C ASP A 168 -9.30 -11.41 15.48
N ASP A 169 -10.58 -11.65 15.79
CA ASP A 169 -11.66 -11.17 14.94
C ASP A 169 -11.75 -9.65 14.93
N THR A 170 -11.47 -9.02 16.08
CA THR A 170 -11.53 -7.57 16.19
C THR A 170 -10.50 -6.92 15.27
N GLU A 171 -9.25 -7.40 15.31
CA GLU A 171 -8.22 -6.82 14.47
C GLU A 171 -8.48 -7.07 13.00
N THR A 172 -8.94 -8.29 12.65
CA THR A 172 -9.25 -8.60 11.27
C THR A 172 -10.47 -7.82 10.78
N GLY A 173 -11.47 -7.66 11.64
CA GLY A 173 -12.61 -6.83 11.25
C GLY A 173 -12.21 -5.37 11.06
N LEU A 174 -11.45 -4.83 12.01
CA LEU A 174 -11.05 -3.43 11.92
C LEU A 174 -10.16 -3.18 10.71
N LEU A 175 -9.20 -4.07 10.47
CA LEU A 175 -8.35 -3.95 9.29
C LEU A 175 -9.18 -4.01 8.00
N SER A 176 -10.18 -4.88 7.95
CA SER A 176 -11.03 -4.99 6.76
C SER A 176 -11.84 -3.73 6.55
N ALA A 177 -12.35 -3.16 7.65
CA ALA A 177 -13.09 -1.92 7.61
C ALA A 177 -12.19 -0.78 7.14
N ILE A 178 -10.97 -0.73 7.65
CA ILE A 178 -10.03 0.31 7.25
C ILE A 178 -9.73 0.20 5.75
N CYS A 179 -9.53 -1.02 5.25
CA CYS A 179 -9.30 -1.22 3.82
C CYS A 179 -10.50 -0.79 2.99
N LEU A 180 -11.70 -1.07 3.49
CA LEU A 180 -12.90 -0.76 2.72
C LEU A 180 -13.17 0.73 2.72
N ILE A 181 -13.16 1.35 3.90
CA ILE A 181 -13.51 2.76 4.05
C ILE A 181 -12.20 3.55 3.91
N CYS A 182 -11.87 3.88 2.66
CA CYS A 182 -10.57 4.40 2.28
C CYS A 182 -10.82 5.61 1.37
N GLY A 183 -10.46 6.81 1.85
CA GLY A 183 -10.74 8.02 1.09
C GLY A 183 -9.86 8.27 -0.12
N ASP A 184 -8.91 7.38 -0.40
CA ASP A 184 -7.99 7.58 -1.49
C ASP A 184 -8.33 6.77 -2.74
N ARG A 185 -9.46 6.05 -2.73
CA ARG A 185 -9.88 5.30 -3.92
C ARG A 185 -10.26 6.26 -5.03
N GLN A 186 -9.95 5.86 -6.26
CA GLN A 186 -10.26 6.67 -7.42
C GLN A 186 -11.77 6.83 -7.58
N ASP A 187 -12.18 8.04 -7.93
CA ASP A 187 -13.52 8.37 -8.41
C ASP A 187 -14.59 8.35 -7.32
N LEU A 188 -14.23 8.46 -6.05
CA LEU A 188 -15.24 8.74 -5.05
C LEU A 188 -15.89 10.10 -5.32
N GLU A 189 -17.17 10.25 -4.93
CA GLU A 189 -17.84 11.54 -5.03
C GLU A 189 -17.73 12.36 -3.74
N GLU A 190 -17.53 11.69 -2.60
CA GLU A 190 -17.32 12.36 -1.32
C GLU A 190 -16.09 11.80 -0.63
N PRO A 191 -14.91 11.95 -1.23
CA PRO A 191 -13.70 11.38 -0.60
C PRO A 191 -13.47 11.87 0.83
N THR A 192 -13.78 13.16 1.08
CA THR A 192 -13.57 13.73 2.42
C THR A 192 -14.47 13.08 3.45
N LYS A 193 -15.74 12.86 3.12
CA LYS A 193 -16.64 12.14 4.02
C LYS A 193 -16.13 10.72 4.28
N VAL A 194 -15.54 10.08 3.28
CA VAL A 194 -15.02 8.74 3.52
C VAL A 194 -13.76 8.80 4.35
N ASP A 195 -12.91 9.81 4.08
CA ASP A 195 -11.72 10.01 4.90
C ASP A 195 -12.09 10.14 6.38
N LYS A 196 -13.10 10.96 6.66
CA LYS A 196 -13.47 11.19 8.05
C LYS A 196 -14.01 9.92 8.69
N LEU A 197 -14.77 9.14 7.92
CA LEU A 197 -15.34 7.89 8.43
C LEU A 197 -14.26 6.88 8.81
N GLN A 198 -13.11 6.94 8.16
CA GLN A 198 -12.02 6.02 8.47
C GLN A 198 -11.31 6.38 9.77
N GLU A 199 -11.34 7.63 10.18
CA GLU A 199 -10.54 8.03 11.33
C GLU A 199 -10.90 7.30 12.62
N PRO A 200 -12.16 7.10 12.99
CA PRO A 200 -12.43 6.32 14.21
C PRO A 200 -11.97 4.87 14.10
N LEU A 201 -12.02 4.27 12.91
CA LEU A 201 -11.52 2.93 12.71
C LEU A 201 -10.03 2.84 13.02
N LEU A 202 -9.26 3.86 12.62
CA LEU A 202 -7.83 3.82 12.91
C LEU A 202 -7.60 4.01 14.40
N GLU A 203 -8.35 4.91 15.01
CA GLU A 203 -8.24 5.13 16.45
C GLU A 203 -8.66 3.90 17.23
N ALA A 204 -9.74 3.23 16.81
CA ALA A 204 -10.20 2.03 17.50
C ALA A 204 -9.18 0.90 17.42
N LEU A 205 -8.57 0.71 16.24
CA LEU A 205 -7.54 -0.31 16.09
C LEU A 205 -6.35 -0.04 17.00
N LYS A 206 -5.95 1.24 17.09
CA LYS A 206 -4.79 1.59 17.90
C LYS A 206 -5.04 1.34 19.39
N ILE A 207 -6.22 1.70 19.89
CA ILE A 207 -6.52 1.47 21.28
C ILE A 207 -6.63 -0.03 21.57
N TYR A 208 -7.20 -0.77 20.62
CA TYR A 208 -7.39 -2.21 20.81
C TYR A 208 -6.06 -2.95 20.84
N ILE A 209 -5.15 -2.61 19.93
CA ILE A 209 -3.84 -3.24 19.90
C ILE A 209 -3.08 -2.96 21.19
N ARG A 210 -3.16 -1.72 21.69
CA ARG A 210 -2.43 -1.37 22.89
C ARG A 210 -2.99 -2.08 24.11
N LYS A 211 -4.29 -2.29 24.14
CA LYS A 211 -4.89 -3.06 25.23
C LYS A 211 -4.47 -4.52 25.15
N ARG A 212 -4.41 -5.08 23.93
CA ARG A 212 -4.20 -6.51 23.77
C ARG A 212 -2.74 -6.91 23.77
N ARG A 213 -1.85 -6.07 23.24
CA ARG A 213 -0.43 -6.36 23.18
C ARG A 213 0.34 -5.35 24.01
N PRO A 214 0.15 -5.33 25.33
CA PRO A 214 0.77 -4.27 26.14
C PRO A 214 2.29 -4.25 26.05
N SER A 215 2.95 -5.41 26.11
CA SER A 215 4.40 -5.47 26.14
C SER A 215 5.02 -5.31 24.75
N LYS A 216 4.29 -4.77 23.79
CA LYS A 216 4.76 -4.69 22.41
C LYS A 216 4.66 -3.25 21.92
N PRO A 217 5.80 -2.59 21.67
CA PRO A 217 5.78 -1.14 21.48
C PRO A 217 5.04 -0.66 20.24
N HIS A 218 5.52 -1.06 19.07
CA HIS A 218 5.08 -0.48 17.81
C HIS A 218 4.16 -1.40 17.04
N MET A 219 3.26 -2.11 17.75
CA MET A 219 2.37 -3.04 17.05
C MET A 219 1.33 -2.32 16.19
N PHE A 220 0.89 -1.12 16.61
CA PHE A 220 -0.07 -0.40 15.76
C PHE A 220 0.53 -0.14 14.39
N PRO A 221 1.69 0.52 14.26
CA PRO A 221 2.26 0.67 12.90
C PRO A 221 2.54 -0.66 12.21
N LYS A 222 3.05 -1.66 12.93
CA LYS A 222 3.37 -2.95 12.30
C LYS A 222 2.12 -3.61 11.70
N ILE A 223 1.05 -3.69 12.49
CA ILE A 223 -0.18 -4.30 11.99
C ILE A 223 -0.77 -3.45 10.87
N LEU A 224 -0.77 -2.13 11.04
CA LEU A 224 -1.38 -1.23 10.05
C LEU A 224 -0.68 -1.36 8.71
N MET A 225 0.65 -1.27 8.70
CA MET A 225 1.34 -1.36 7.43
C MET A 225 1.31 -2.77 6.81
N LYS A 226 0.62 -3.75 7.41
CA LYS A 226 0.35 -4.98 6.68
C LYS A 226 -0.61 -4.75 5.53
N ILE A 227 -1.41 -3.68 5.61
CA ILE A 227 -2.25 -3.28 4.49
C ILE A 227 -1.41 -3.00 3.25
N THR A 228 -0.20 -2.48 3.45
CA THR A 228 0.73 -2.27 2.33
C THR A 228 0.90 -3.55 1.52
N ASP A 229 1.15 -4.66 2.21
CA ASP A 229 1.24 -5.97 1.57
C ASP A 229 -0.06 -6.36 0.87
N LEU A 230 -1.20 -6.16 1.56
CA LEU A 230 -2.50 -6.45 0.97
C LEU A 230 -2.67 -5.75 -0.37
N ARG A 231 -2.36 -4.44 -0.41
CA ARG A 231 -2.60 -3.64 -1.60
C ARG A 231 -1.71 -4.09 -2.74
N SER A 232 -0.49 -4.49 -2.41
CA SER A 232 0.43 -5.00 -3.41
C SER A 232 -0.12 -6.29 -4.01
N ILE A 233 -0.46 -7.26 -3.16
CA ILE A 233 -0.98 -8.54 -3.60
C ILE A 233 -2.26 -8.33 -4.39
N SER A 234 -3.10 -7.42 -3.91
CA SER A 234 -4.39 -7.25 -4.55
C SER A 234 -4.25 -6.64 -5.92
N ALA A 235 -3.29 -5.71 -6.07
CA ALA A 235 -2.95 -5.20 -7.40
C ALA A 235 -2.54 -6.34 -8.33
N LYS A 236 -1.68 -7.23 -7.83
CA LYS A 236 -1.28 -8.38 -8.65
C LYS A 236 -2.47 -9.28 -8.96
N GLY A 237 -3.38 -9.45 -8.01
CA GLY A 237 -4.56 -10.27 -8.27
C GLY A 237 -5.45 -9.68 -9.34
N ALA A 238 -5.47 -8.36 -9.48
CA ALA A 238 -6.20 -7.74 -10.58
C ALA A 238 -5.59 -8.11 -11.92
N GLU A 239 -4.25 -8.15 -11.99
CA GLU A 239 -3.59 -8.59 -13.22
C GLU A 239 -3.89 -10.07 -13.49
N ARG A 240 -3.91 -10.88 -12.43
CA ARG A 240 -4.19 -12.29 -12.59
C ARG A 240 -5.58 -12.53 -13.18
N VAL A 241 -6.56 -11.71 -12.81
CA VAL A 241 -7.90 -11.85 -13.37
C VAL A 241 -7.84 -11.76 -14.90
N ILE A 242 -6.96 -10.91 -15.44
CA ILE A 242 -6.88 -10.73 -16.87
C ILE A 242 -6.36 -12.00 -17.54
N THR A 243 -5.28 -12.57 -16.99
CA THR A 243 -4.71 -13.78 -17.58
C THR A 243 -5.62 -14.99 -17.38
N LEU A 244 -6.32 -15.04 -16.24
CA LEU A 244 -7.24 -16.15 -15.98
C LEU A 244 -8.36 -16.22 -17.02
N LYS A 245 -8.91 -15.06 -17.41
CA LYS A 245 -10.00 -15.05 -18.37
C LYS A 245 -9.60 -15.72 -19.68
N MET A 246 -8.32 -15.64 -20.06
CA MET A 246 -7.87 -16.34 -21.25
C MET A 246 -7.73 -17.83 -21.04
N GLU A 247 -7.64 -18.29 -19.80
CA GLU A 247 -7.44 -19.71 -19.55
C GLU A 247 -8.71 -20.44 -19.15
N ILE A 248 -9.76 -19.74 -18.75
CA ILE A 248 -11.02 -20.36 -18.37
C ILE A 248 -11.89 -20.45 -19.63
N PRO A 249 -12.35 -21.64 -20.02
CA PRO A 249 -13.28 -21.79 -21.16
C PRO A 249 -14.71 -21.41 -20.80
N GLY A 250 -14.89 -20.16 -20.38
CA GLY A 250 -16.16 -19.65 -19.93
C GLY A 250 -15.95 -18.35 -19.19
N SER A 251 -17.07 -17.75 -18.79
CA SER A 251 -17.01 -16.51 -18.01
C SER A 251 -16.85 -16.82 -16.52
N MET A 252 -16.31 -15.85 -15.80
CA MET A 252 -16.31 -15.97 -14.36
C MET A 252 -17.71 -15.69 -13.82
N PRO A 253 -17.99 -16.10 -12.58
CA PRO A 253 -19.29 -15.77 -11.97
C PRO A 253 -19.55 -14.27 -12.07
N PRO A 254 -20.79 -13.87 -12.36
CA PRO A 254 -21.04 -12.46 -12.70
C PRO A 254 -20.69 -11.49 -11.59
N LEU A 255 -20.83 -11.90 -10.32
CA LEU A 255 -20.50 -11.03 -9.22
C LEU A 255 -18.99 -10.78 -9.18
N ILE A 256 -18.20 -11.81 -9.51
CA ILE A 256 -16.77 -11.62 -9.62
C ILE A 256 -16.46 -10.70 -10.80
N GLN A 257 -17.17 -10.87 -11.92
CA GLN A 257 -17.01 -9.96 -13.06
C GLN A 257 -17.26 -8.52 -12.61
N GLU A 258 -18.34 -8.31 -11.87
CA GLU A 258 -18.69 -6.96 -11.46
C GLU A 258 -17.62 -6.38 -10.54
N MET A 259 -17.17 -7.17 -9.56
CA MET A 259 -16.21 -6.67 -8.58
C MET A 259 -14.87 -6.36 -9.22
N MET A 260 -14.51 -7.07 -10.29
CA MET A 260 -13.17 -6.95 -10.85
C MET A 260 -13.09 -5.99 -12.04
N GLU A 261 -14.12 -5.19 -12.28
CA GLU A 261 -14.10 -4.26 -13.40
C GLU A 261 -13.12 -3.10 -13.19
N GLY B 13 9.49 40.95 15.49
CA GLY B 13 8.30 41.48 16.16
C GLY B 13 7.91 40.70 17.41
N LEU B 14 6.77 41.05 18.00
CA LEU B 14 6.26 40.36 19.19
C LEU B 14 5.40 39.17 18.78
N VAL B 15 5.58 38.06 19.50
CA VAL B 15 4.73 36.87 19.37
C VAL B 15 3.67 36.95 20.46
N PRO B 16 2.41 37.26 20.14
CA PRO B 16 1.41 37.41 21.19
C PRO B 16 1.16 36.11 21.95
N ARG B 17 0.61 36.25 23.16
CA ARG B 17 0.32 35.09 24.00
C ARG B 17 -0.88 34.33 23.45
N GLY B 18 -0.75 33.01 23.38
CA GLY B 18 -1.83 32.20 22.87
C GLY B 18 -2.76 31.72 23.97
N SER B 19 -2.91 30.40 24.06
CA SER B 19 -3.70 29.77 25.10
C SER B 19 -3.21 28.33 25.20
N HIS B 20 -3.00 27.84 26.42
CA HIS B 20 -2.67 26.43 26.60
C HIS B 20 -1.42 26.11 25.79
N MET B 21 -0.27 26.63 26.20
CA MET B 21 0.92 26.42 25.39
C MET B 21 1.41 24.99 25.60
N GLU B 22 1.45 24.26 24.49
CA GLU B 22 1.82 22.86 24.43
C GLU B 22 3.02 22.51 25.31
N SER B 23 2.91 21.40 26.03
CA SER B 23 4.02 20.74 26.71
C SER B 23 4.45 19.50 25.95
N TYR B 24 5.75 19.22 25.98
CA TYR B 24 6.29 17.98 25.40
C TYR B 24 7.44 17.50 26.26
N GLU B 25 7.69 16.19 26.23
CA GLU B 25 8.80 15.65 26.98
C GLU B 25 10.12 15.80 26.21
N MET B 26 11.22 15.53 26.90
CA MET B 26 12.53 15.48 26.26
C MET B 26 12.60 14.26 25.36
N THR B 27 12.96 14.49 24.10
CA THR B 27 13.20 13.41 23.17
C THR B 27 14.46 13.78 22.39
N ALA B 28 15.56 13.95 23.13
CA ALA B 28 16.78 14.50 22.56
C ALA B 28 17.39 13.57 21.51
N GLU B 29 17.43 12.27 21.78
CA GLU B 29 18.00 11.34 20.82
C GLU B 29 17.17 11.30 19.54
N LEU B 30 15.86 11.21 19.68
CA LEU B 30 15.00 11.20 18.50
C LEU B 30 15.03 12.55 17.80
N ASP B 31 15.20 13.64 18.55
CA ASP B 31 15.36 14.97 17.95
C ASP B 31 16.55 14.99 17.00
N ASP B 32 17.69 14.41 17.41
CA ASP B 32 18.86 14.44 16.56
C ASP B 32 18.68 13.53 15.35
N LEU B 33 18.10 12.35 15.55
CA LEU B 33 17.80 11.48 14.41
C LEU B 33 16.87 12.18 13.44
N THR B 34 15.85 12.87 13.97
CA THR B 34 14.94 13.62 13.13
C THR B 34 15.68 14.66 12.31
N GLU B 35 16.63 15.35 12.94
CA GLU B 35 17.41 16.36 12.24
C GLU B 35 18.26 15.73 11.15
N LYS B 36 18.89 14.58 11.45
CA LYS B 36 19.71 13.89 10.46
C LYS B 36 18.88 13.45 9.25
N ILE B 37 17.69 12.89 9.49
CA ILE B 37 16.86 12.47 8.36
C ILE B 37 16.44 13.68 7.53
N ARG B 38 16.12 14.78 8.19
CA ARG B 38 15.72 15.99 7.47
C ARG B 38 16.85 16.47 6.57
N LYS B 39 18.06 16.59 7.12
CA LYS B 39 19.18 17.08 6.33
C LYS B 39 19.51 16.14 5.18
N ALA B 40 19.47 14.83 5.44
CA ALA B 40 19.74 13.86 4.39
C ALA B 40 18.75 14.01 3.25
N HIS B 41 17.46 14.19 3.56
CA HIS B 41 16.48 14.42 2.51
C HIS B 41 16.75 15.71 1.76
N GLN B 42 16.96 16.81 2.49
CA GLN B 42 17.13 18.10 1.85
C GLN B 42 18.37 18.11 0.96
N GLU B 43 19.44 17.49 1.42
CA GLU B 43 20.69 17.48 0.69
C GLU B 43 20.73 16.50 -0.48
N THR B 44 19.75 15.60 -0.59
CA THR B 44 19.66 14.72 -1.74
C THR B 44 18.40 14.98 -2.55
N PHE B 45 17.69 16.07 -2.27
CA PHE B 45 16.47 16.35 -3.01
C PHE B 45 16.07 17.80 -2.79
N PRO B 46 16.45 18.69 -3.70
CA PRO B 46 16.10 20.11 -3.55
C PRO B 46 14.59 20.31 -3.47
N SER B 47 14.20 21.41 -2.84
CA SER B 47 12.78 21.72 -2.74
C SER B 47 12.32 22.56 -3.93
N LEU B 48 11.00 22.60 -4.11
CA LEU B 48 10.43 23.35 -5.23
C LEU B 48 10.84 24.82 -5.18
N CYS B 49 10.89 25.39 -3.98
CA CYS B 49 11.20 26.82 -3.86
C CYS B 49 12.65 27.14 -4.22
N GLN B 50 13.55 26.14 -4.15
CA GLN B 50 14.94 26.36 -4.50
C GLN B 50 15.26 25.88 -5.92
N LEU B 51 14.25 25.50 -6.71
CA LEU B 51 14.46 25.06 -8.09
C LEU B 51 14.03 26.17 -9.04
N GLY B 52 14.83 26.37 -10.09
CA GLY B 52 14.47 27.29 -11.15
C GLY B 52 13.77 26.58 -12.30
N LYS B 53 12.47 26.82 -12.43
CA LYS B 53 11.65 26.00 -13.31
C LYS B 53 11.81 26.41 -14.78
N TYR B 54 11.60 25.43 -15.65
CA TYR B 54 11.55 25.65 -17.08
C TYR B 54 10.65 24.57 -17.69
N THR B 55 9.98 24.92 -18.78
CA THR B 55 9.12 23.98 -19.49
C THR B 55 9.77 23.60 -20.81
N THR B 56 9.19 22.58 -21.43
CA THR B 56 9.38 22.28 -22.83
C THR B 56 8.03 22.42 -23.50
N ASN B 57 8.03 22.46 -24.82
CA ASN B 57 6.78 22.47 -25.56
C ASN B 57 6.51 21.12 -26.22
N SER B 58 7.34 20.12 -25.97
CA SER B 58 7.20 18.82 -26.64
C SER B 58 5.93 18.10 -26.17
N SER B 59 4.98 17.95 -27.10
CA SER B 59 3.73 17.19 -26.90
C SER B 59 3.00 17.62 -25.63
N ALA B 60 2.93 18.93 -25.41
CA ALA B 60 2.12 19.46 -24.32
C ALA B 60 0.63 19.50 -24.65
N ASP B 61 0.27 19.31 -25.92
CA ASP B 61 -1.09 19.54 -26.40
C ASP B 61 -2.01 18.34 -26.25
N HIS B 62 -1.49 17.12 -26.44
CA HIS B 62 -2.36 15.95 -26.39
C HIS B 62 -1.55 14.72 -25.98
N ARG B 63 -2.27 13.73 -25.45
CA ARG B 63 -1.64 12.49 -25.04
C ARG B 63 -1.20 11.68 -26.25
N VAL B 64 -0.03 11.08 -26.15
CA VAL B 64 0.52 10.21 -27.19
C VAL B 64 0.97 8.90 -26.54
N ARG B 65 1.42 7.96 -27.37
CA ARG B 65 1.84 6.65 -26.88
C ARG B 65 3.10 6.76 -26.03
N LEU B 66 4.10 7.49 -26.53
CA LEU B 66 5.29 7.83 -25.77
C LEU B 66 6.00 8.94 -26.53
N ASP B 67 6.23 10.06 -25.88
CA ASP B 67 7.13 11.06 -26.48
C ASP B 67 8.53 10.52 -26.33
N LEU B 68 9.06 9.91 -27.38
CA LEU B 68 10.41 9.37 -27.31
C LEU B 68 11.44 10.44 -26.95
N GLY B 69 11.13 11.71 -27.19
CA GLY B 69 12.01 12.80 -26.78
C GLY B 69 11.94 13.08 -25.29
N LEU B 70 10.72 13.12 -24.74
CA LEU B 70 10.60 13.33 -23.30
C LEU B 70 11.11 12.15 -22.50
N TRP B 71 11.07 10.94 -23.08
CA TRP B 71 11.49 9.78 -22.31
C TRP B 71 13.00 9.80 -22.07
N ASP B 72 13.79 10.31 -23.02
CA ASP B 72 15.23 10.43 -22.81
C ASP B 72 15.54 11.27 -21.58
N LYS B 73 14.92 12.46 -21.51
CA LYS B 73 15.13 13.34 -20.38
C LYS B 73 14.63 12.70 -19.08
N PHE B 74 13.42 12.13 -19.11
CA PHE B 74 12.84 11.57 -17.90
C PHE B 74 13.68 10.41 -17.36
N SER B 75 14.17 9.54 -18.25
CA SER B 75 14.91 8.38 -17.78
C SER B 75 16.28 8.80 -17.22
N GLU B 76 16.91 9.78 -17.85
CA GLU B 76 18.18 10.30 -17.34
C GLU B 76 18.00 10.96 -15.99
N LEU B 77 16.95 11.77 -15.82
CA LEU B 77 16.66 12.36 -14.54
C LEU B 77 16.35 11.28 -13.52
N ALA B 78 15.66 10.23 -13.97
CA ALA B 78 15.34 9.09 -13.11
C ALA B 78 16.62 8.40 -12.65
N THR B 79 17.53 8.14 -13.58
CA THR B 79 18.86 7.64 -13.24
C THR B 79 19.51 8.47 -12.15
N LYS B 80 19.53 9.80 -12.32
CA LYS B 80 20.20 10.66 -11.36
C LYS B 80 19.51 10.63 -9.99
N CYS B 81 18.17 10.58 -9.96
CA CYS B 81 17.50 10.53 -8.66
C CYS B 81 17.67 9.18 -7.97
N ILE B 82 17.81 8.07 -8.71
CA ILE B 82 18.16 6.80 -8.06
C ILE B 82 19.50 6.93 -7.35
N ILE B 83 20.46 7.60 -7.99
CA ILE B 83 21.75 7.84 -7.36
C ILE B 83 21.56 8.66 -6.07
N LYS B 84 20.70 9.69 -6.11
CA LYS B 84 20.45 10.49 -4.92
C LYS B 84 19.77 9.67 -3.83
N ILE B 85 18.96 8.70 -4.19
CA ILE B 85 18.26 7.89 -3.20
C ILE B 85 19.23 6.89 -2.55
N VAL B 86 20.22 6.41 -3.31
CA VAL B 86 21.27 5.61 -2.70
C VAL B 86 22.07 6.48 -1.73
N GLU B 87 22.36 7.72 -2.10
CA GLU B 87 23.09 8.60 -1.19
C GLU B 87 22.27 8.87 0.07
N PHE B 88 20.96 9.12 -0.09
CA PHE B 88 20.08 9.33 1.06
C PHE B 88 20.07 8.09 1.95
N ALA B 89 20.02 6.90 1.36
CA ALA B 89 19.99 5.68 2.15
C ALA B 89 21.26 5.56 2.98
N LYS B 90 22.42 5.82 2.36
CA LYS B 90 23.69 5.71 3.06
C LYS B 90 23.80 6.68 4.22
N ARG B 91 22.97 7.72 4.26
CA ARG B 91 23.05 8.70 5.34
C ARG B 91 22.08 8.42 6.47
N LEU B 92 21.18 7.46 6.30
CA LEU B 92 20.31 7.07 7.38
C LEU B 92 21.14 6.29 8.41
N PRO B 93 21.05 6.60 9.69
CA PRO B 93 21.93 5.94 10.67
C PRO B 93 21.71 4.43 10.69
N GLY B 94 22.81 3.69 10.55
CA GLY B 94 22.77 2.25 10.62
C GLY B 94 22.64 1.55 9.28
N PHE B 95 22.14 2.24 8.25
CA PHE B 95 21.87 1.56 6.97
C PHE B 95 23.12 0.89 6.43
N THR B 96 24.27 1.57 6.50
CA THR B 96 25.48 0.96 6.00
C THR B 96 26.01 -0.10 6.95
N GLY B 97 25.46 -0.18 8.16
CA GLY B 97 25.79 -1.28 9.07
C GLY B 97 25.16 -2.61 8.69
N LEU B 98 24.17 -2.60 7.80
CA LEU B 98 23.59 -3.82 7.25
C LEU B 98 24.50 -4.40 6.17
N THR B 99 24.38 -5.71 5.95
CA THR B 99 25.12 -6.35 4.87
C THR B 99 24.80 -5.69 3.54
N ILE B 100 25.72 -5.80 2.58
CA ILE B 100 25.49 -5.19 1.27
C ILE B 100 24.25 -5.82 0.62
N ALA B 101 24.08 -7.14 0.81
CA ALA B 101 22.93 -7.83 0.24
C ALA B 101 21.61 -7.23 0.74
N ASP B 102 21.53 -6.95 2.05
CA ASP B 102 20.30 -6.36 2.60
C ASP B 102 20.13 -4.90 2.16
N GLN B 103 21.23 -4.15 2.07
CA GLN B 103 21.14 -2.80 1.53
C GLN B 103 20.54 -2.83 0.13
N ILE B 104 21.03 -3.75 -0.70
CA ILE B 104 20.52 -3.85 -2.06
C ILE B 104 19.06 -4.25 -2.06
N THR B 105 18.71 -5.25 -1.25
CA THR B 105 17.34 -5.73 -1.17
C THR B 105 16.39 -4.62 -0.72
N LEU B 106 16.82 -3.82 0.26
CA LEU B 106 15.97 -2.73 0.73
C LEU B 106 15.79 -1.67 -0.33
N LEU B 107 16.87 -1.28 -1.02
CA LEU B 107 16.76 -0.24 -2.04
C LEU B 107 15.91 -0.71 -3.21
N LYS B 108 16.20 -1.90 -3.76
CA LYS B 108 15.38 -2.44 -4.85
C LYS B 108 13.90 -2.48 -4.48
N ALA B 109 13.59 -2.83 -3.23
CA ALA B 109 12.19 -2.94 -2.84
C ALA B 109 11.51 -1.58 -2.77
N ALA B 110 12.23 -0.53 -2.37
CA ALA B 110 11.58 0.73 -2.03
C ALA B 110 11.86 1.84 -3.02
N CYS B 111 12.74 1.63 -3.98
CA CYS B 111 13.20 2.71 -4.85
C CYS B 111 12.02 3.41 -5.51
N LEU B 112 11.21 2.66 -6.24
CA LEU B 112 10.12 3.27 -6.99
C LEU B 112 9.16 3.98 -6.05
N ASP B 113 8.93 3.38 -4.88
CA ASP B 113 8.01 3.97 -3.86
C ASP B 113 8.53 5.34 -3.44
N ILE B 114 9.83 5.46 -3.16
CA ILE B 114 10.39 6.74 -2.73
C ILE B 114 10.41 7.73 -3.88
N LEU B 115 10.70 7.24 -5.08
CA LEU B 115 10.72 8.13 -6.23
C LEU B 115 9.33 8.70 -6.51
N ILE B 116 8.29 7.90 -6.34
CA ILE B 116 6.94 8.45 -6.48
C ILE B 116 6.70 9.51 -5.42
N LEU B 117 7.03 9.19 -4.17
CA LEU B 117 6.83 10.14 -3.10
C LEU B 117 7.56 11.45 -3.41
N ARG B 118 8.81 11.36 -3.85
CA ARG B 118 9.59 12.55 -4.14
C ARG B 118 8.93 13.39 -5.24
N ILE B 119 8.59 12.78 -6.37
CA ILE B 119 8.07 13.58 -7.47
C ILE B 119 6.72 14.18 -7.11
N CYS B 120 5.92 13.50 -6.28
CA CYS B 120 4.67 14.07 -5.82
C CYS B 120 4.83 15.23 -4.84
N THR B 121 5.97 15.34 -4.17
CA THR B 121 6.20 16.56 -3.40
C THR B 121 6.57 17.73 -4.29
N ARG B 122 6.80 17.51 -5.57
CA ARG B 122 7.09 18.57 -6.54
C ARG B 122 5.87 18.89 -7.39
N TYR B 123 4.68 18.69 -6.85
CA TYR B 123 3.44 18.97 -7.57
C TYR B 123 3.00 20.40 -7.32
N THR B 124 2.77 21.16 -8.39
CA THR B 124 2.20 22.51 -8.33
C THR B 124 0.72 22.43 -8.70
N PRO B 125 -0.20 22.43 -7.74
CA PRO B 125 -1.61 22.11 -8.06
C PRO B 125 -2.27 23.09 -9.02
N GLU B 126 -2.01 24.39 -8.90
CA GLU B 126 -2.64 25.35 -9.79
C GLU B 126 -2.28 25.07 -11.26
N GLN B 127 -1.01 24.77 -11.52
CA GLN B 127 -0.52 24.52 -12.87
C GLN B 127 -0.71 23.09 -13.33
N ASP B 128 -1.03 22.17 -12.41
CA ASP B 128 -1.17 20.74 -12.69
C ASP B 128 0.12 20.16 -13.24
N THR B 129 1.24 20.47 -12.57
CA THR B 129 2.55 20.08 -13.07
C THR B 129 3.38 19.42 -11.98
N MET B 130 4.42 18.72 -12.43
CA MET B 130 5.43 18.18 -11.55
C MET B 130 6.79 18.66 -12.05
N THR B 131 7.71 18.85 -11.11
CA THR B 131 8.99 19.49 -11.40
C THR B 131 10.11 18.57 -10.98
N PHE B 132 11.04 18.35 -11.89
CA PHE B 132 12.16 17.46 -11.67
C PHE B 132 13.35 18.25 -11.11
N SER B 133 14.38 17.53 -10.68
CA SER B 133 15.43 18.13 -9.86
C SER B 133 16.31 19.10 -10.62
N ASP B 134 16.26 19.11 -11.96
CA ASP B 134 16.94 20.11 -12.77
C ASP B 134 16.02 21.28 -13.10
N GLY B 135 14.82 21.32 -12.54
CA GLY B 135 13.85 22.37 -12.82
C GLY B 135 12.82 22.02 -13.87
N LEU B 136 13.03 20.95 -14.65
CA LEU B 136 12.10 20.63 -15.72
C LEU B 136 10.70 20.41 -15.16
N THR B 137 9.73 21.12 -15.75
CA THR B 137 8.36 21.15 -15.26
C THR B 137 7.43 20.69 -16.38
N LEU B 138 6.79 19.54 -16.18
CA LEU B 138 5.86 18.98 -17.15
C LEU B 138 4.44 19.05 -16.62
N ASN B 139 3.48 19.35 -17.50
CA ASN B 139 2.07 19.25 -17.14
C ASN B 139 1.62 17.79 -17.22
N ARG B 140 0.35 17.54 -16.91
CA ARG B 140 -0.11 16.17 -16.75
C ARG B 140 0.02 15.36 -18.04
N THR B 141 -0.34 15.96 -19.16
CA THR B 141 -0.25 15.25 -20.43
C THR B 141 1.20 14.95 -20.79
N GLN B 142 2.10 15.87 -20.47
CA GLN B 142 3.52 15.61 -20.74
C GLN B 142 4.06 14.52 -19.84
N MET B 143 3.65 14.50 -18.58
CA MET B 143 4.05 13.39 -17.71
C MET B 143 3.55 12.07 -18.26
N HIS B 144 2.34 12.07 -18.82
CA HIS B 144 1.86 10.88 -19.50
C HIS B 144 2.79 10.50 -20.64
N ASN B 145 3.07 11.45 -21.53
CA ASN B 145 3.85 11.16 -22.73
C ASN B 145 5.30 10.83 -22.41
N ALA B 146 5.77 11.19 -21.22
CA ALA B 146 7.15 10.92 -20.84
C ALA B 146 7.37 9.48 -20.43
N GLY B 147 6.30 8.73 -20.14
CA GLY B 147 6.44 7.34 -19.78
C GLY B 147 5.51 6.91 -18.66
N PHE B 148 4.75 7.85 -18.10
CA PHE B 148 3.80 7.50 -17.04
C PHE B 148 2.57 6.79 -17.59
N GLY B 149 2.25 7.02 -18.86
CA GLY B 149 1.19 6.31 -19.53
C GLY B 149 -0.06 6.17 -18.69
N PRO B 150 -0.54 4.92 -18.53
CA PRO B 150 -1.77 4.69 -17.78
C PRO B 150 -1.66 4.93 -16.28
N LEU B 151 -0.48 5.28 -15.77
CA LEU B 151 -0.31 5.55 -14.34
C LEU B 151 -0.36 7.04 -14.02
N THR B 152 -0.39 7.90 -15.04
CA THR B 152 -0.39 9.34 -14.85
C THR B 152 -1.46 9.76 -13.85
N ASP B 153 -2.72 9.46 -14.16
CA ASP B 153 -3.81 9.89 -13.29
C ASP B 153 -3.66 9.34 -11.87
N LEU B 154 -3.12 8.14 -11.71
CA LEU B 154 -2.94 7.57 -10.37
C LEU B 154 -1.88 8.32 -9.58
N VAL B 155 -0.78 8.69 -10.25
CA VAL B 155 0.28 9.46 -9.60
C VAL B 155 -0.16 10.88 -9.33
N PHE B 156 -0.89 11.50 -10.27
CA PHE B 156 -1.34 12.86 -10.03
C PHE B 156 -2.40 12.89 -8.95
N THR B 157 -3.18 11.83 -8.83
CA THR B 157 -4.18 11.77 -7.78
C THR B 157 -3.52 11.61 -6.42
N PHE B 158 -2.52 10.73 -6.33
CA PHE B 158 -1.75 10.63 -5.11
C PHE B 158 -1.16 11.98 -4.72
N ALA B 159 -0.60 12.71 -5.68
CA ALA B 159 0.02 13.99 -5.37
C ALA B 159 -1.01 14.97 -4.81
N ASN B 160 -2.22 14.94 -5.35
CA ASN B 160 -3.29 15.78 -4.82
C ASN B 160 -3.69 15.33 -3.42
N GLN B 161 -3.77 14.02 -3.18
CA GLN B 161 -4.15 13.54 -1.87
C GLN B 161 -3.12 13.89 -0.81
N LEU B 162 -1.87 14.13 -1.21
CA LEU B 162 -0.83 14.50 -0.24
C LEU B 162 -1.00 15.94 0.26
N LEU B 163 -1.44 16.85 -0.61
CA LEU B 163 -1.53 18.28 -0.27
C LEU B 163 -2.21 18.56 1.08
N PRO B 164 -3.38 18.00 1.40
CA PRO B 164 -4.01 18.33 2.69
C PRO B 164 -3.26 17.82 3.91
N LEU B 165 -2.21 17.01 3.75
CA LEU B 165 -1.36 16.64 4.88
C LEU B 165 -0.28 17.66 5.14
N GLU B 166 -0.06 18.57 4.19
CA GLU B 166 0.93 19.64 4.28
C GLU B 166 2.25 19.15 4.86
N MET B 167 2.77 18.07 4.30
CA MET B 167 4.03 17.52 4.77
C MET B 167 5.20 18.44 4.42
N ASP B 168 6.20 18.45 5.28
CA ASP B 168 7.42 19.20 5.04
C ASP B 168 8.56 18.22 4.80
N ASP B 169 9.78 18.75 4.73
CA ASP B 169 10.95 17.94 4.40
C ASP B 169 11.22 16.89 5.48
N THR B 170 11.00 17.23 6.75
CA THR B 170 11.24 16.26 7.81
C THR B 170 10.31 15.06 7.68
N GLU B 171 9.02 15.32 7.53
CA GLU B 171 8.08 14.22 7.39
C GLU B 171 8.30 13.45 6.10
N THR B 172 8.64 14.14 5.01
CA THR B 172 8.92 13.45 3.76
C THR B 172 10.16 12.56 3.89
N GLY B 173 11.22 13.08 4.50
CA GLY B 173 12.40 12.25 4.71
C GLY B 173 12.14 11.09 5.64
N LEU B 174 11.41 11.32 6.74
CA LEU B 174 11.11 10.24 7.67
C LEU B 174 10.23 9.18 7.03
N LEU B 175 9.30 9.58 6.18
CA LEU B 175 8.46 8.60 5.51
C LEU B 175 9.28 7.81 4.49
N SER B 176 10.20 8.46 3.78
CA SER B 176 11.08 7.72 2.87
C SER B 176 11.91 6.71 3.62
N ALA B 177 12.57 7.15 4.70
CA ALA B 177 13.37 6.28 5.55
C ALA B 177 12.59 5.05 6.02
N ILE B 178 11.33 5.27 6.44
CA ILE B 178 10.51 4.16 6.92
C ILE B 178 10.18 3.21 5.77
N CYS B 179 9.94 3.76 4.59
CA CYS B 179 9.65 2.91 3.45
CA CYS B 179 9.67 2.94 3.41
C CYS B 179 10.84 2.04 3.07
N LEU B 180 12.05 2.58 3.19
CA LEU B 180 13.26 1.86 2.82
C LEU B 180 13.65 0.83 3.88
N ILE B 181 13.84 1.29 5.11
CA ILE B 181 14.18 0.44 6.23
C ILE B 181 12.95 -0.33 6.70
N CYS B 182 12.66 -1.44 6.02
CA CYS B 182 11.46 -2.24 6.26
C CYS B 182 11.87 -3.70 6.44
N GLY B 183 11.71 -4.24 7.65
CA GLY B 183 12.11 -5.63 7.87
C GLY B 183 11.22 -6.69 7.24
N ASP B 184 10.18 -6.30 6.50
CA ASP B 184 9.27 -7.25 5.88
C ASP B 184 9.71 -7.68 4.48
N ARG B 185 10.70 -7.02 3.90
CA ARG B 185 11.10 -7.33 2.53
C ARG B 185 11.58 -8.77 2.44
N GLN B 186 11.14 -9.45 1.39
CA GLN B 186 11.53 -10.84 1.24
C GLN B 186 13.01 -10.95 0.88
N ASP B 187 13.67 -12.00 1.39
CA ASP B 187 15.08 -12.32 1.13
C ASP B 187 16.05 -11.39 1.89
N LEU B 188 15.64 -10.86 3.04
CA LEU B 188 16.57 -10.14 3.90
C LEU B 188 17.38 -11.13 4.73
N GLU B 189 18.67 -10.83 4.90
CA GLU B 189 19.54 -11.69 5.70
C GLU B 189 19.31 -11.47 7.20
N GLU B 190 19.27 -10.22 7.65
CA GLU B 190 19.06 -9.87 9.05
C GLU B 190 17.80 -9.01 9.18
N PRO B 191 16.63 -9.59 8.94
CA PRO B 191 15.40 -8.78 9.00
C PRO B 191 15.12 -8.21 10.38
N THR B 192 15.59 -8.84 11.45
CA THR B 192 15.34 -8.29 12.77
C THR B 192 16.18 -7.03 13.01
N LYS B 193 17.41 -6.98 12.49
CA LYS B 193 18.22 -5.77 12.63
C LYS B 193 17.61 -4.61 11.86
N VAL B 194 17.04 -4.88 10.68
CA VAL B 194 16.31 -3.85 9.94
C VAL B 194 15.11 -3.35 10.75
N ASP B 195 14.42 -4.26 11.44
CA ASP B 195 13.27 -3.87 12.24
C ASP B 195 13.66 -2.92 13.35
N LYS B 196 14.84 -3.15 13.95
CA LYS B 196 15.37 -2.28 14.99
C LYS B 196 15.74 -0.91 14.50
N LEU B 197 16.26 -0.83 13.28
CA LEU B 197 16.52 0.47 12.68
C LEU B 197 15.23 1.24 12.46
N GLN B 198 14.17 0.53 12.07
CA GLN B 198 12.92 1.19 11.71
C GLN B 198 12.18 1.74 12.92
N GLU B 199 12.29 1.10 14.08
CA GLU B 199 11.50 1.52 15.23
C GLU B 199 11.73 2.97 15.65
N PRO B 200 12.97 3.47 15.80
CA PRO B 200 13.11 4.90 16.10
C PRO B 200 12.63 5.80 14.98
N LEU B 201 12.67 5.37 13.72
CA LEU B 201 12.11 6.15 12.62
C LEU B 201 10.60 6.33 12.77
N LEU B 202 9.89 5.26 13.15
CA LEU B 202 8.47 5.39 13.42
C LEU B 202 8.21 6.33 14.61
N GLU B 203 9.03 6.22 15.66
CA GLU B 203 8.87 7.07 16.84
C GLU B 203 9.12 8.54 16.49
N ALA B 204 10.24 8.82 15.84
CA ALA B 204 10.56 10.21 15.49
C ALA B 204 9.44 10.83 14.69
N LEU B 205 8.90 10.08 13.72
CA LEU B 205 7.81 10.61 12.90
C LEU B 205 6.61 10.93 13.77
N LYS B 206 6.29 10.03 14.71
CA LYS B 206 5.12 10.21 15.53
C LYS B 206 5.26 11.42 16.43
N ILE B 207 6.47 11.64 16.95
CA ILE B 207 6.70 12.76 17.85
C ILE B 207 6.77 14.07 17.08
N TYR B 208 7.42 14.07 15.92
CA TYR B 208 7.43 15.24 15.06
C TYR B 208 6.03 15.67 14.69
N ILE B 209 5.18 14.73 14.25
CA ILE B 209 3.82 15.08 13.87
C ILE B 209 3.06 15.66 15.06
N ARG B 210 3.28 15.11 16.26
CA ARG B 210 2.61 15.64 17.45
C ARG B 210 3.07 17.06 17.73
N LYS B 211 4.38 17.31 17.64
CA LYS B 211 4.90 18.64 17.92
C LYS B 211 4.44 19.66 16.89
N ARG B 212 4.45 19.28 15.61
CA ARG B 212 4.11 20.27 14.57
C ARG B 212 2.61 20.50 14.48
N ARG B 213 1.82 19.43 14.51
CA ARG B 213 0.36 19.57 14.43
C ARG B 213 -0.29 19.20 15.76
N PRO B 214 -0.15 20.02 16.81
CA PRO B 214 -0.75 19.65 18.10
C PRO B 214 -2.26 19.59 18.06
N SER B 215 -2.91 20.23 17.10
CA SER B 215 -4.36 20.31 17.04
C SER B 215 -4.98 19.24 16.14
N LYS B 216 -4.18 18.35 15.55
CA LYS B 216 -4.69 17.28 14.69
C LYS B 216 -4.05 15.95 15.10
N PRO B 217 -4.74 15.15 15.94
CA PRO B 217 -4.11 13.94 16.52
C PRO B 217 -3.98 12.74 15.58
N HIS B 218 -4.97 12.49 14.68
CA HIS B 218 -5.00 11.34 13.78
C HIS B 218 -3.96 11.41 12.67
N MET B 219 -3.03 12.36 12.69
CA MET B 219 -2.20 12.58 11.52
C MET B 219 -1.14 11.51 11.35
N PHE B 220 -0.67 10.91 12.45
CA PHE B 220 0.33 9.85 12.34
C PHE B 220 -0.18 8.67 11.54
N PRO B 221 -1.28 8.00 11.91
CA PRO B 221 -1.74 6.89 11.05
C PRO B 221 -2.14 7.33 9.67
N LYS B 222 -2.68 8.54 9.52
CA LYS B 222 -3.08 9.02 8.19
C LYS B 222 -1.86 9.15 7.27
N ILE B 223 -0.74 9.64 7.80
CA ILE B 223 0.47 9.78 7.00
C ILE B 223 1.09 8.41 6.76
N LEU B 224 1.04 7.53 7.76
CA LEU B 224 1.56 6.19 7.60
C LEU B 224 0.85 5.44 6.49
N MET B 225 -0.47 5.60 6.41
CA MET B 225 -1.24 4.93 5.37
C MET B 225 -0.81 5.32 3.97
N LYS B 226 -0.14 6.47 3.79
CA LYS B 226 0.28 6.87 2.45
C LYS B 226 1.26 5.87 1.86
N ILE B 227 2.10 5.26 2.69
CA ILE B 227 2.96 4.17 2.21
C ILE B 227 2.13 3.08 1.52
N THR B 228 1.00 2.70 2.13
CA THR B 228 0.17 1.66 1.52
C THR B 228 -0.39 2.11 0.17
N ASP B 229 -0.55 3.41 -0.03
CA ASP B 229 -0.95 3.91 -1.35
C ASP B 229 0.22 3.86 -2.33
N LEU B 230 1.42 4.23 -1.86
CA LEU B 230 2.62 4.17 -2.70
C LEU B 230 2.83 2.78 -3.27
N ARG B 231 2.68 1.75 -2.42
CA ARG B 231 2.92 0.39 -2.85
C ARG B 231 1.88 -0.04 -3.88
N SER B 232 0.65 0.44 -3.73
CA SER B 232 -0.37 0.19 -4.75
C SER B 232 0.08 0.70 -6.12
N ILE B 233 0.81 1.81 -6.15
CA ILE B 233 1.21 2.45 -7.40
C ILE B 233 2.48 1.85 -7.95
N SER B 234 3.53 1.74 -7.14
CA SER B 234 4.76 1.12 -7.62
C SER B 234 4.55 -0.35 -8.00
N ALA B 235 3.52 -1.02 -7.44
CA ALA B 235 3.24 -2.37 -7.89
C ALA B 235 2.90 -2.41 -9.37
N LYS B 236 2.26 -1.35 -9.88
CA LYS B 236 1.97 -1.27 -11.31
C LYS B 236 3.15 -0.74 -12.11
N GLY B 237 4.14 -0.15 -11.45
CA GLY B 237 5.31 0.35 -12.17
C GLY B 237 6.09 -0.77 -12.83
N ALA B 238 6.11 -1.94 -12.21
CA ALA B 238 6.77 -3.08 -12.84
C ALA B 238 6.15 -3.36 -14.19
N GLU B 239 4.82 -3.50 -14.23
CA GLU B 239 4.15 -3.81 -15.48
C GLU B 239 4.46 -2.77 -16.56
N ARG B 240 4.73 -1.53 -16.16
CA ARG B 240 5.02 -0.48 -17.12
C ARG B 240 6.44 -0.59 -17.68
N VAL B 241 7.39 -0.99 -16.83
CA VAL B 241 8.75 -1.26 -17.27
C VAL B 241 8.76 -2.16 -18.49
N ILE B 242 7.89 -3.17 -18.48
CA ILE B 242 7.85 -4.13 -19.58
C ILE B 242 7.19 -3.51 -20.80
N THR B 243 6.13 -2.72 -20.59
CA THR B 243 5.53 -2.00 -21.71
C THR B 243 6.53 -1.04 -22.34
N LEU B 244 7.25 -0.28 -21.51
CA LEU B 244 8.21 0.69 -22.02
C LEU B 244 9.35 0.02 -22.76
N LYS B 245 9.80 -1.14 -22.28
CA LYS B 245 10.91 -1.86 -22.91
C LYS B 245 10.66 -2.18 -24.37
N MET B 246 9.37 -2.28 -24.73
CA MET B 246 8.97 -2.62 -26.12
C MET B 246 8.75 -1.36 -26.97
N GLU B 247 8.66 -0.18 -26.35
CA GLU B 247 8.36 1.01 -27.12
C GLU B 247 9.61 1.79 -27.42
N ILE B 248 10.61 1.65 -26.56
CA ILE B 248 11.83 2.43 -26.67
C ILE B 248 12.80 1.68 -27.57
N PRO B 249 13.56 2.39 -28.40
CA PRO B 249 14.59 1.73 -29.20
C PRO B 249 15.82 1.47 -28.33
N GLY B 250 16.38 0.28 -28.47
CA GLY B 250 17.48 0.03 -27.57
C GLY B 250 17.04 -0.17 -26.12
N SER B 251 18.01 -0.03 -25.23
CA SER B 251 17.91 -0.57 -23.88
C SER B 251 17.41 0.46 -22.87
N MET B 252 16.80 -0.06 -21.81
CA MET B 252 16.49 0.73 -20.63
C MET B 252 17.78 1.12 -19.91
N PRO B 253 17.89 2.33 -19.39
CA PRO B 253 19.08 2.72 -18.63
C PRO B 253 19.40 1.70 -17.54
N PRO B 254 20.65 1.27 -17.45
CA PRO B 254 20.96 0.04 -16.70
C PRO B 254 20.68 0.14 -15.22
N LEU B 255 20.82 1.33 -14.61
CA LEU B 255 20.52 1.46 -13.18
C LEU B 255 19.03 1.29 -12.93
N ILE B 256 18.20 1.78 -13.86
CA ILE B 256 16.76 1.60 -13.72
C ILE B 256 16.40 0.12 -13.76
N GLN B 257 17.08 -0.64 -14.61
CA GLN B 257 16.83 -2.09 -14.71
C GLN B 257 17.27 -2.82 -13.45
N GLU B 258 18.40 -2.42 -12.86
CA GLU B 258 18.83 -3.01 -11.60
C GLU B 258 17.81 -2.77 -10.49
N MET B 259 17.17 -1.60 -10.49
CA MET B 259 16.20 -1.30 -9.44
C MET B 259 14.86 -2.00 -9.65
N MET B 260 14.54 -2.36 -10.90
CA MET B 260 13.26 -2.95 -11.26
C MET B 260 13.31 -4.46 -11.44
N GLU B 261 14.49 -5.07 -11.39
CA GLU B 261 14.64 -6.49 -11.64
C GLU B 261 13.88 -7.31 -10.59
N HIS C 2 23.78 -6.91 -10.00
CA HIS C 2 23.64 -5.56 -9.47
CA HIS C 2 23.62 -5.53 -9.52
C HIS C 2 24.99 -4.84 -9.41
N LYS C 3 25.75 -4.91 -10.51
CA LYS C 3 27.09 -4.33 -10.57
C LYS C 3 27.08 -2.85 -10.18
N ILE C 4 26.15 -2.06 -10.76
CA ILE C 4 26.12 -0.62 -10.46
C ILE C 4 25.81 -0.40 -8.98
N LEU C 5 24.70 -0.96 -8.53
CA LEU C 5 24.24 -0.76 -7.16
C LEU C 5 25.31 -1.14 -6.15
N HIS C 6 25.92 -2.32 -6.34
CA HIS C 6 26.99 -2.75 -5.44
C HIS C 6 28.15 -1.78 -5.44
N ARG C 7 28.42 -1.14 -6.57
CA ARG C 7 29.50 -0.15 -6.63
C ARG C 7 29.10 1.13 -5.89
N LEU C 8 27.89 1.63 -6.15
CA LEU C 8 27.43 2.83 -5.46
C LEU C 8 27.36 2.64 -3.94
N LEU C 9 27.08 1.41 -3.50
CA LEU C 9 26.96 1.13 -2.07
C LEU C 9 28.31 0.97 -1.39
N GLN C 10 29.30 0.41 -2.10
CA GLN C 10 30.62 0.29 -1.51
C GLN C 10 31.46 1.55 -1.73
N GLU C 11 31.02 2.44 -2.60
CA GLU C 11 31.70 3.71 -2.86
C GLU C 11 31.76 4.59 -1.62
N ARG D 1 -24.89 -2.93 -17.83
CA ARG D 1 -24.13 -3.13 -16.59
C ARG D 1 -24.63 -4.35 -15.81
N HIS D 2 -23.77 -4.90 -14.96
CA HIS D 2 -24.17 -5.94 -14.02
C HIS D 2 -25.17 -5.42 -13.01
N LYS D 3 -26.09 -6.30 -12.59
CA LYS D 3 -27.13 -5.94 -11.62
C LYS D 3 -26.90 -6.49 -10.21
N ILE D 4 -25.96 -7.42 -10.04
CA ILE D 4 -25.91 -8.20 -8.80
C ILE D 4 -25.54 -7.33 -7.60
N LEU D 5 -24.45 -6.57 -7.69
CA LEU D 5 -23.98 -5.80 -6.53
C LEU D 5 -25.04 -4.81 -6.06
N HIS D 6 -25.72 -4.14 -6.98
CA HIS D 6 -26.77 -3.21 -6.55
C HIS D 6 -27.92 -3.94 -5.87
N ARG D 7 -28.29 -5.11 -6.39
CA ARG D 7 -29.33 -5.89 -5.74
C ARG D 7 -28.88 -6.37 -4.36
N LEU D 8 -27.61 -6.75 -4.23
CA LEU D 8 -27.06 -7.16 -2.94
C LEU D 8 -27.06 -6.00 -1.95
N LEU D 9 -26.70 -4.79 -2.40
CA LEU D 9 -26.76 -3.62 -1.51
C LEU D 9 -28.19 -3.33 -1.07
N GLN D 10 -29.12 -3.33 -2.01
CA GLN D 10 -30.50 -3.03 -1.65
C GLN D 10 -31.07 -4.09 -0.73
N GLU D 11 -30.55 -5.32 -0.79
CA GLU D 11 -30.96 -6.42 0.08
C GLU D 11 -31.26 -6.01 1.51
#